data_3G3M
#
_entry.id   3G3M
#
_cell.length_a   78.280
_cell.length_b   116.558
_cell.length_c   62.113
_cell.angle_alpha   90.00
_cell.angle_beta   90.00
_cell.angle_gamma   90.00
#
_symmetry.space_group_name_H-M   'C 2 2 21'
#
loop_
_entity.id
_entity.type
_entity.pdbx_description
1 polymer "Uridine 5'-monophosphate synthase"
2 non-polymer "5-FLUORO-URIDINE-5'-MONOPHOSPHATE"
3 water water
#
_entity_poly.entity_id   1
_entity_poly.type   'polypeptide(L)'
_entity_poly.pdbx_seq_one_letter_code
;MGSSHHHHHHSSGLVPRGSHMKELSFGARAELPRIHPVASKLLRLMQKKETNLCLSADVSLARELLQLADALGPSICMLK
THVDILNDFTLDVMKELITLAK(CSX)HEFLIFEDRKFADIGNTVKKQYEGGIFKIASWADLVNAHVVPGSGVVKGLQEV
GLPLHRGCLLIAEMSSTGSLATGDYTRAAVRMAEEHSEFVVGFISGSRVSMKPEFLHLTPGVQLEAGGDNLGQQYNSPQE
VIGKRGSDIIIVGRGIISAADRLEAAEMYRKAAWEAYLSRLGV
;
_entity_poly.pdbx_strand_id   A
#
# COMPACT_ATOMS: atom_id res chain seq x y z
N LYS A 22 -12.67 -15.45 -15.41
CA LYS A 22 -11.36 -15.26 -16.10
C LYS A 22 -10.74 -13.92 -15.71
N GLU A 23 -9.41 -13.89 -15.58
CA GLU A 23 -8.75 -12.73 -15.02
C GLU A 23 -8.56 -11.55 -15.96
N LEU A 24 -8.92 -10.38 -15.43
CA LEU A 24 -8.82 -9.14 -16.16
C LEU A 24 -7.46 -8.49 -15.91
N SER A 25 -6.90 -7.85 -16.93
CA SER A 25 -5.68 -7.06 -16.78
C SER A 25 -5.90 -5.91 -15.80
N PHE A 26 -4.80 -5.35 -15.28
CA PHE A 26 -4.88 -4.12 -14.48
C PHE A 26 -5.63 -3.02 -15.23
N GLY A 27 -5.36 -2.87 -16.52
CA GLY A 27 -6.02 -1.81 -17.31
C GLY A 27 -7.52 -2.01 -17.43
N ALA A 28 -7.98 -3.25 -17.57
CA ALA A 28 -9.41 -3.51 -17.63
C ALA A 28 -10.04 -3.32 -16.25
N ARG A 29 -9.35 -3.78 -15.19
CA ARG A 29 -9.86 -3.57 -13.84
C ARG A 29 -10.06 -2.08 -13.52
N ALA A 30 -9.19 -1.23 -14.06
CA ALA A 30 -9.29 0.24 -13.92
C ALA A 30 -10.63 0.77 -14.42
N GLU A 31 -11.31 -0.01 -15.25
CA GLU A 31 -12.56 0.46 -15.86
C GLU A 31 -13.79 -0.19 -15.24
N LEU A 32 -13.63 -1.10 -14.27
CA LEU A 32 -14.80 -1.78 -13.71
C LEU A 32 -15.88 -0.82 -13.20
N PRO A 33 -17.16 -1.18 -13.36
CA PRO A 33 -18.23 -0.28 -12.89
C PRO A 33 -18.07 0.20 -11.44
N ARG A 34 -17.65 -0.70 -10.55
CA ARG A 34 -17.62 -0.37 -9.12
C ARG A 34 -16.24 0.06 -8.65
N ILE A 35 -15.32 0.30 -9.58
CA ILE A 35 -13.95 0.70 -9.20
C ILE A 35 -13.93 2.06 -8.50
N HIS A 36 -13.11 2.19 -7.46
CA HIS A 36 -12.92 3.48 -6.81
C HIS A 36 -11.94 4.32 -7.63
N PRO A 37 -12.14 5.64 -7.72
CA PRO A 37 -11.23 6.49 -8.51
C PRO A 37 -9.74 6.37 -8.20
N VAL A 38 -9.39 6.19 -6.92
CA VAL A 38 -7.99 6.05 -6.52
C VAL A 38 -7.43 4.73 -7.04
N ALA A 39 -8.21 3.66 -6.90
CA ALA A 39 -7.86 2.35 -7.46
C ALA A 39 -7.68 2.44 -8.98
N SER A 40 -8.58 3.14 -9.66
N SER A 40 -8.60 3.13 -9.66
CA SER A 40 -8.50 3.21 -11.11
CA SER A 40 -8.52 3.25 -11.12
C SER A 40 -7.24 3.98 -11.56
C SER A 40 -7.22 3.95 -11.52
N LYS A 41 -6.89 5.04 -10.84
CA LYS A 41 -5.67 5.79 -11.14
C LYS A 41 -4.42 4.91 -10.97
N LEU A 42 -4.41 4.15 -9.89
CA LEU A 42 -3.32 3.22 -9.61
C LEU A 42 -3.21 2.15 -10.67
N LEU A 43 -4.33 1.49 -10.94
CA LEU A 43 -4.32 0.41 -11.93
C LEU A 43 -3.87 0.90 -13.30
N ARG A 44 -4.29 2.10 -13.69
CA ARG A 44 -3.86 2.65 -14.98
C ARG A 44 -2.35 2.88 -15.00
N LEU A 45 -1.78 3.40 -13.92
CA LEU A 45 -0.34 3.70 -13.99
C LEU A 45 0.50 2.42 -13.83
N MET A 46 -0.04 1.40 -13.14
CA MET A 46 0.60 0.08 -13.10
C MET A 46 0.74 -0.48 -14.51
N GLN A 47 -0.36 -0.41 -15.26
N GLN A 47 -0.33 -0.42 -15.29
CA GLN A 47 -0.40 -0.87 -16.65
CA GLN A 47 -0.27 -0.96 -16.65
C GLN A 47 0.59 -0.08 -17.50
C GLN A 47 0.57 -0.08 -17.58
N LYS A 48 0.49 1.23 -17.43
CA LYS A 48 1.34 2.13 -18.25
C LYS A 48 2.82 1.89 -18.01
N LYS A 49 3.20 1.75 -16.74
CA LYS A 49 4.60 1.66 -16.38
C LYS A 49 5.14 0.25 -16.23
N GLU A 50 4.27 -0.74 -16.36
N GLU A 50 4.27 -0.74 -16.38
CA GLU A 50 4.62 -2.16 -16.16
CA GLU A 50 4.68 -2.12 -16.21
C GLU A 50 5.25 -2.43 -14.81
C GLU A 50 5.37 -2.21 -14.85
N THR A 51 4.62 -1.81 -13.83
CA THR A 51 5.08 -2.02 -12.38
C THR A 51 3.92 -2.27 -11.44
N ASN A 52 4.06 -3.32 -10.65
CA ASN A 52 3.20 -3.64 -9.52
C ASN A 52 4.02 -3.77 -8.23
N LEU A 53 5.06 -2.92 -8.17
CA LEU A 53 5.97 -2.82 -7.01
C LEU A 53 5.66 -1.55 -6.20
N CYS A 54 5.45 -1.74 -4.90
CA CYS A 54 5.33 -0.60 -3.98
C CYS A 54 6.60 -0.59 -3.12
N LEU A 55 7.33 0.51 -3.17
CA LEU A 55 8.55 0.68 -2.35
C LEU A 55 8.16 1.02 -0.92
N SER A 56 8.63 0.21 0.05
CA SER A 56 8.45 0.55 1.47
C SER A 56 9.67 1.37 1.86
N ALA A 57 9.52 2.69 1.83
CA ALA A 57 10.64 3.60 2.00
C ALA A 57 10.96 3.80 3.48
N ASP A 58 11.51 2.75 4.06
CA ASP A 58 11.67 2.70 5.49
C ASP A 58 13.05 3.27 5.85
N VAL A 59 13.08 4.60 5.92
CA VAL A 59 14.29 5.34 6.23
C VAL A 59 13.92 6.40 7.25
N SER A 60 14.91 6.96 7.95
N SER A 60 14.93 6.98 7.92
CA SER A 60 14.64 7.95 9.00
CA SER A 60 14.74 7.99 8.97
C SER A 60 14.97 9.37 8.60
C SER A 60 15.05 9.43 8.52
N LEU A 61 15.61 9.54 7.44
N LEU A 61 15.62 9.57 7.34
CA LEU A 61 16.01 10.84 6.92
CA LEU A 61 16.15 10.84 6.83
C LEU A 61 15.20 11.26 5.71
C LEU A 61 15.36 11.34 5.62
N ALA A 62 14.70 12.49 5.74
CA ALA A 62 13.99 13.08 4.60
C ALA A 62 14.80 13.08 3.32
N ARG A 63 16.08 13.45 3.38
N ARG A 63 16.09 13.43 3.40
CA ARG A 63 16.89 13.48 2.17
CA ARG A 63 16.92 13.50 2.20
C ARG A 63 16.92 12.11 1.51
C ARG A 63 17.07 12.13 1.52
N GLU A 64 17.09 11.06 2.32
CA GLU A 64 17.19 9.72 1.75
C GLU A 64 15.84 9.28 1.18
N LEU A 65 14.76 9.60 1.88
CA LEU A 65 13.41 9.36 1.36
C LEU A 65 13.23 9.98 -0.02
N LEU A 66 13.59 11.26 -0.13
CA LEU A 66 13.39 11.99 -1.38
C LEU A 66 14.34 11.50 -2.46
N GLN A 67 15.59 11.19 -2.13
CA GLN A 67 16.49 10.64 -3.13
C GLN A 67 16.03 9.28 -3.64
N LEU A 68 15.46 8.46 -2.77
CA LEU A 68 14.92 7.17 -3.21
C LEU A 68 13.67 7.35 -4.07
N ALA A 69 12.77 8.24 -3.66
CA ALA A 69 11.55 8.50 -4.41
C ALA A 69 11.86 9.01 -5.82
N ASP A 70 12.88 9.83 -5.95
CA ASP A 70 13.24 10.36 -7.27
C ASP A 70 13.86 9.26 -8.14
N ALA A 71 14.86 8.57 -7.62
CA ALA A 71 15.57 7.55 -8.43
C ALA A 71 14.72 6.33 -8.75
N LEU A 72 13.89 5.92 -7.79
CA LEU A 72 13.10 4.72 -7.97
C LEU A 72 11.67 4.98 -8.48
N GLY A 73 11.29 6.26 -8.53
CA GLY A 73 9.92 6.60 -8.98
C GLY A 73 9.48 5.93 -10.29
N PRO A 74 10.33 5.93 -11.33
CA PRO A 74 9.93 5.25 -12.57
C PRO A 74 9.70 3.74 -12.45
N SER A 75 10.26 3.10 -11.43
CA SER A 75 10.13 1.66 -11.24
C SER A 75 8.95 1.22 -10.38
N ILE A 76 8.26 2.16 -9.74
CA ILE A 76 7.25 1.80 -8.72
C ILE A 76 5.86 2.36 -9.06
N CYS A 77 4.84 1.67 -8.58
CA CYS A 77 3.48 2.19 -8.73
C CYS A 77 3.09 2.98 -7.49
N MET A 78 3.87 2.86 -6.42
CA MET A 78 3.47 3.40 -5.12
C MET A 78 4.69 3.50 -4.24
N LEU A 79 4.71 4.54 -3.40
CA LEU A 79 5.74 4.72 -2.40
C LEU A 79 5.03 4.76 -1.05
N LYS A 80 5.41 3.80 -0.21
CA LYS A 80 4.81 3.67 1.13
C LYS A 80 5.71 4.29 2.17
N THR A 81 5.09 5.12 3.01
CA THR A 81 5.80 5.81 4.07
C THR A 81 5.42 5.34 5.48
N HIS A 82 6.35 5.55 6.40
CA HIS A 82 5.99 5.64 7.83
C HIS A 82 6.45 7.02 8.30
N VAL A 83 5.63 8.06 8.17
N VAL A 83 5.52 7.97 8.24
CA VAL A 83 6.21 9.36 8.51
CA VAL A 83 5.83 9.36 8.54
C VAL A 83 6.57 9.48 10.00
C VAL A 83 6.35 9.58 9.97
N ASP A 84 5.91 8.69 10.84
CA ASP A 84 6.27 8.69 12.26
C ASP A 84 7.62 8.12 12.62
N ILE A 85 8.40 7.74 11.60
N ILE A 85 8.41 7.70 11.62
CA ILE A 85 9.79 7.33 11.83
CA ILE A 85 9.81 7.32 11.88
C ILE A 85 10.71 8.40 11.24
C ILE A 85 10.79 8.25 11.17
N LEU A 86 10.19 9.31 10.43
N LEU A 86 10.27 9.31 10.56
CA LEU A 86 11.09 10.34 9.91
CA LEU A 86 11.12 10.28 9.88
C LEU A 86 11.57 11.23 11.05
C LEU A 86 11.59 11.33 10.88
N ASN A 87 12.89 11.32 11.22
CA ASN A 87 13.45 12.20 12.24
C ASN A 87 13.25 13.67 11.96
N ASP A 88 13.27 13.99 10.67
CA ASP A 88 13.15 15.38 10.24
C ASP A 88 11.91 15.61 9.39
N PHE A 89 10.81 14.93 9.72
CA PHE A 89 9.52 15.27 9.11
C PHE A 89 9.22 16.77 9.15
N THR A 90 8.76 17.30 8.01
CA THR A 90 8.02 18.55 7.98
C THR A 90 7.00 18.42 6.86
N LEU A 91 6.00 19.29 6.84
CA LEU A 91 5.01 19.24 5.75
C LEU A 91 5.65 19.60 4.40
N ASP A 92 6.71 20.41 4.41
N ASP A 92 6.68 20.42 4.44
CA ASP A 92 7.43 20.73 3.18
CA ASP A 92 7.43 20.72 3.21
C ASP A 92 8.16 19.52 2.57
C ASP A 92 7.98 19.46 2.59
N VAL A 93 8.53 18.56 3.41
CA VAL A 93 9.09 17.31 2.90
C VAL A 93 8.01 16.60 2.09
N MET A 94 6.81 16.58 2.65
CA MET A 94 5.72 15.89 1.96
C MET A 94 5.32 16.59 0.65
N LYS A 95 5.39 17.92 0.64
N LYS A 95 5.44 17.92 0.61
CA LYS A 95 5.18 18.67 -0.59
CA LYS A 95 5.24 18.63 -0.65
C LYS A 95 6.16 18.23 -1.67
C LYS A 95 6.23 18.21 -1.73
N GLU A 96 7.42 18.07 -1.31
N GLU A 96 7.51 18.10 -1.35
CA GLU A 96 8.46 17.64 -2.25
CA GLU A 96 8.52 17.61 -2.27
C GLU A 96 8.28 16.19 -2.69
C GLU A 96 8.13 16.21 -2.74
N LEU A 97 7.73 15.35 -1.81
CA LEU A 97 7.36 13.98 -2.16
C LEU A 97 6.22 13.98 -3.18
N ILE A 98 5.21 14.83 -2.97
CA ILE A 98 4.09 14.92 -3.90
C ILE A 98 4.57 15.37 -5.29
N THR A 99 5.50 16.32 -5.33
CA THR A 99 6.08 16.74 -6.61
C THR A 99 6.67 15.53 -7.34
N LEU A 100 7.45 14.73 -6.63
CA LEU A 100 8.05 13.52 -7.22
C LEU A 100 7.00 12.49 -7.65
N ALA A 101 5.96 12.30 -6.84
CA ALA A 101 4.88 11.39 -7.15
C ALA A 101 4.14 11.76 -8.45
N LYS A 102 3.94 13.06 -8.61
CA LYS A 102 3.31 13.58 -9.83
C LYS A 102 4.24 13.45 -11.03
N HIS A 104 6.84 11.37 -11.52
CA HIS A 104 7.11 9.97 -11.88
C HIS A 104 5.89 9.06 -11.99
N GLU A 105 4.73 9.57 -11.53
CA GLU A 105 3.47 8.86 -11.54
C GLU A 105 3.47 7.65 -10.59
N PHE A 106 3.37 7.93 -9.29
CA PHE A 106 3.14 6.88 -8.30
C PHE A 106 2.22 7.44 -7.22
N LEU A 107 1.53 6.54 -6.53
CA LEU A 107 0.72 6.98 -5.39
C LEU A 107 1.56 7.04 -4.12
N ILE A 108 1.11 7.85 -3.16
CA ILE A 108 1.72 7.87 -1.82
C ILE A 108 0.79 7.16 -0.83
N PHE A 109 1.35 6.20 -0.11
CA PHE A 109 0.59 5.37 0.82
C PHE A 109 1.23 5.48 2.20
N GLU A 110 0.54 6.12 3.15
CA GLU A 110 1.04 6.17 4.53
C GLU A 110 0.56 4.95 5.30
N ASP A 111 1.53 4.15 5.72
CA ASP A 111 1.31 2.84 6.31
C ASP A 111 1.03 2.93 7.82
N ARG A 112 0.01 3.71 8.15
CA ARG A 112 -0.23 4.09 9.56
C ARG A 112 -0.97 2.99 10.33
N LYS A 113 -1.62 2.04 9.65
CA LYS A 113 -2.21 0.90 10.34
C LYS A 113 -3.06 1.38 11.53
N PHE A 114 -3.98 2.31 11.22
CA PHE A 114 -4.88 2.87 12.22
C PHE A 114 -5.58 1.75 12.96
N ALA A 115 -5.78 1.92 14.26
CA ALA A 115 -6.32 0.82 15.07
C ALA A 115 -6.86 1.38 16.37
N ASP A 116 -7.81 2.29 16.24
CA ASP A 116 -8.43 2.92 17.40
C ASP A 116 -9.89 3.12 17.04
N ILE A 117 -10.65 3.68 17.98
CA ILE A 117 -12.06 3.93 17.73
C ILE A 117 -12.23 5.03 16.67
N GLY A 118 -13.39 5.01 16.01
CA GLY A 118 -13.67 5.99 14.94
C GLY A 118 -13.38 7.43 15.27
N ASN A 119 -13.81 7.84 16.46
CA ASN A 119 -13.70 9.23 16.84
C ASN A 119 -12.24 9.68 16.91
N THR A 120 -11.37 8.78 17.35
CA THR A 120 -9.96 9.08 17.46
C THR A 120 -9.22 8.98 16.13
N VAL A 121 -9.50 7.93 15.35
CA VAL A 121 -8.74 7.81 14.09
C VAL A 121 -9.03 8.95 13.14
N LYS A 122 -10.27 9.43 13.17
N LYS A 122 -10.20 9.61 13.20
CA LYS A 122 -10.66 10.57 12.36
CA LYS A 122 -10.38 10.79 12.32
C LYS A 122 -9.66 11.70 12.61
C LYS A 122 -9.40 11.95 12.60
N LYS A 123 -9.32 11.89 13.88
N LYS A 123 -9.16 12.21 13.88
CA LYS A 123 -8.42 12.95 14.30
CA LYS A 123 -8.20 13.24 14.23
C LYS A 123 -6.96 12.70 13.93
C LYS A 123 -6.79 12.76 13.92
N GLN A 124 -6.51 11.46 14.12
CA GLN A 124 -5.14 11.06 13.79
C GLN A 124 -4.88 11.10 12.29
N TYR A 125 -5.95 11.00 11.50
CA TYR A 125 -5.80 10.97 10.03
C TYR A 125 -5.77 12.40 9.51
N GLU A 126 -6.64 13.26 10.03
CA GLU A 126 -6.70 14.65 9.53
C GLU A 126 -5.70 15.61 10.16
N GLY A 127 -5.41 15.38 11.44
CA GLY A 127 -4.81 16.44 12.26
C GLY A 127 -3.43 16.16 12.79
N GLY A 128 -3.14 16.70 13.97
CA GLY A 128 -1.81 16.55 14.54
C GLY A 128 -0.76 17.25 13.69
N ILE A 129 0.51 16.92 13.92
N ILE A 129 0.50 16.91 13.90
CA ILE A 129 1.61 17.48 13.14
CA ILE A 129 1.55 17.54 13.11
C ILE A 129 1.56 16.97 11.69
C ILE A 129 1.72 16.92 11.72
N PHE A 130 1.25 15.69 11.53
CA PHE A 130 1.48 15.03 10.24
C PHE A 130 0.45 15.38 9.16
N LYS A 131 -0.77 15.73 9.55
CA LYS A 131 -1.84 16.00 8.56
C LYS A 131 -1.83 14.97 7.42
N ILE A 132 -1.83 13.69 7.78
CA ILE A 132 -1.69 12.59 6.82
C ILE A 132 -2.64 12.74 5.64
N ALA A 133 -3.90 13.06 5.90
CA ALA A 133 -4.90 13.06 4.83
C ALA A 133 -4.58 14.12 3.78
N SER A 134 -3.77 15.13 4.13
N SER A 134 -3.80 15.13 4.14
CA SER A 134 -3.45 16.21 3.21
CA SER A 134 -3.50 16.18 3.19
C SER A 134 -2.45 15.81 2.12
C SER A 134 -2.64 15.67 2.04
N TRP A 135 -1.78 14.69 2.30
CA TRP A 135 -0.78 14.25 1.31
C TRP A 135 -0.84 12.77 0.94
N ALA A 136 -1.51 11.92 1.71
CA ALA A 136 -1.49 10.48 1.44
C ALA A 136 -2.67 10.11 0.56
N ASP A 137 -2.40 9.52 -0.61
CA ASP A 137 -3.51 9.02 -1.44
C ASP A 137 -4.21 7.86 -0.75
N LEU A 138 -3.38 7.00 -0.14
CA LEU A 138 -3.88 5.82 0.55
C LEU A 138 -3.37 5.80 1.99
N VAL A 139 -4.21 5.23 2.85
CA VAL A 139 -3.83 4.79 4.21
C VAL A 139 -4.37 3.39 4.42
N ASN A 140 -3.99 2.77 5.53
CA ASN A 140 -4.54 1.49 5.89
C ASN A 140 -5.01 1.44 7.34
N ALA A 141 -5.86 0.47 7.62
CA ALA A 141 -6.48 0.33 8.94
C ALA A 141 -6.62 -1.13 9.31
N HIS A 142 -6.41 -1.42 10.59
CA HIS A 142 -6.78 -2.71 11.16
C HIS A 142 -8.28 -2.77 11.41
N VAL A 143 -8.80 -3.99 11.32
CA VAL A 143 -10.23 -4.18 11.47
C VAL A 143 -10.66 -4.50 12.90
N VAL A 144 -9.70 -4.78 13.78
CA VAL A 144 -9.98 -5.16 15.18
C VAL A 144 -10.97 -4.24 15.91
N PRO A 145 -10.97 -2.92 15.64
CA PRO A 145 -11.94 -2.10 16.41
C PRO A 145 -13.39 -2.25 15.99
N GLY A 146 -13.63 -2.96 14.89
CA GLY A 146 -14.97 -2.93 14.29
C GLY A 146 -15.08 -1.81 13.27
N SER A 147 -16.22 -1.75 12.58
CA SER A 147 -16.32 -0.91 11.40
C SER A 147 -16.29 0.59 11.67
N GLY A 148 -16.44 0.99 12.94
CA GLY A 148 -16.26 2.40 13.31
C GLY A 148 -14.89 2.94 12.92
N VAL A 149 -13.88 2.08 12.86
CA VAL A 149 -12.56 2.58 12.42
C VAL A 149 -12.64 3.10 10.99
N VAL A 150 -13.38 2.38 10.14
CA VAL A 150 -13.57 2.79 8.74
C VAL A 150 -14.47 4.02 8.63
N LYS A 151 -15.53 4.01 9.44
N LYS A 151 -15.53 4.04 9.43
N LYS A 151 -15.55 4.03 9.42
CA LYS A 151 -16.48 5.12 9.51
CA LYS A 151 -16.46 5.16 9.43
CA LYS A 151 -16.44 5.20 9.39
C LYS A 151 -15.80 6.43 9.87
C LYS A 151 -15.84 6.47 9.91
C LYS A 151 -15.73 6.48 9.80
N GLY A 152 -14.92 6.40 10.86
CA GLY A 152 -14.19 7.57 11.31
C GLY A 152 -13.23 8.07 10.23
N LEU A 153 -12.46 7.13 9.64
CA LEU A 153 -11.53 7.56 8.60
C LEU A 153 -12.24 8.14 7.37
N GLN A 154 -13.36 7.52 7.02
CA GLN A 154 -14.04 7.94 5.80
C GLN A 154 -14.65 9.35 5.93
N GLU A 155 -14.99 9.76 7.15
N GLU A 155 -14.96 9.78 7.15
CA GLU A 155 -15.44 11.13 7.40
CA GLU A 155 -15.48 11.12 7.35
C GLU A 155 -14.46 12.16 6.86
C GLU A 155 -14.45 12.25 7.09
N VAL A 156 -13.18 11.89 7.03
CA VAL A 156 -12.11 12.75 6.53
C VAL A 156 -11.76 12.35 5.09
N GLY A 157 -11.65 11.04 4.81
CA GLY A 157 -11.13 10.54 3.55
C GLY A 157 -12.03 10.75 2.35
N LEU A 158 -13.32 10.52 2.51
CA LEU A 158 -14.23 10.72 1.37
C LEU A 158 -14.20 12.15 0.81
N PRO A 159 -14.36 13.19 1.65
CA PRO A 159 -14.31 14.54 1.06
C PRO A 159 -12.99 14.86 0.39
N LEU A 160 -11.91 14.22 0.84
CA LEU A 160 -10.61 14.47 0.22
C LEU A 160 -10.27 13.50 -0.92
N HIS A 161 -11.25 12.66 -1.27
N HIS A 161 -11.29 12.73 -1.35
CA HIS A 161 -11.14 11.77 -2.42
CA HIS A 161 -11.14 11.70 -2.38
C HIS A 161 -10.03 10.71 -2.21
C HIS A 161 -9.92 10.82 -2.17
N ARG A 162 -9.79 10.33 -0.96
CA ARG A 162 -8.74 9.36 -0.63
C ARG A 162 -9.28 7.94 -0.63
N GLY A 163 -8.37 6.98 -0.50
CA GLY A 163 -8.79 5.58 -0.32
C GLY A 163 -8.10 4.93 0.87
N CYS A 164 -8.62 3.78 1.25
CA CYS A 164 -8.10 3.05 2.41
C CYS A 164 -7.98 1.56 2.08
N LEU A 165 -6.96 0.92 2.66
CA LEU A 165 -6.82 -0.55 2.59
C LEU A 165 -7.10 -1.11 3.98
N LEU A 166 -7.78 -2.25 4.04
CA LEU A 166 -7.99 -2.95 5.31
C LEU A 166 -6.98 -4.08 5.49
N ILE A 167 -6.46 -4.24 6.70
CA ILE A 167 -5.43 -5.25 6.96
C ILE A 167 -6.13 -6.56 7.27
N ALA A 168 -6.27 -7.41 6.24
CA ALA A 168 -6.95 -8.69 6.35
C ALA A 168 -6.04 -9.81 6.84
N GLU A 169 -4.73 -9.70 6.56
CA GLU A 169 -3.73 -10.67 7.02
C GLU A 169 -2.46 -9.89 7.30
N MET A 170 -1.62 -10.41 8.20
CA MET A 170 -0.29 -9.82 8.40
C MET A 170 0.78 -10.85 8.07
N SER A 171 1.97 -10.33 7.78
CA SER A 171 3.09 -11.18 7.39
C SER A 171 3.89 -11.78 8.55
N SER A 172 3.65 -11.30 9.76
CA SER A 172 4.53 -11.63 10.88
C SER A 172 4.12 -12.94 11.60
N THR A 173 5.10 -13.56 12.25
CA THR A 173 4.89 -14.81 12.97
C THR A 173 3.92 -14.62 14.14
N GLY A 174 2.93 -15.49 14.22
CA GLY A 174 1.94 -15.41 15.28
C GLY A 174 0.80 -14.45 14.98
N SER A 175 0.75 -13.90 13.75
CA SER A 175 -0.38 -13.08 13.35
C SER A 175 -1.72 -13.69 13.74
N LEU A 176 -2.59 -12.84 14.31
CA LEU A 176 -3.94 -13.27 14.66
C LEU A 176 -4.95 -12.94 13.57
N ALA A 177 -4.47 -12.34 12.46
CA ALA A 177 -5.35 -11.93 11.37
C ALA A 177 -5.55 -13.12 10.42
N THR A 178 -6.34 -14.08 10.90
CA THR A 178 -6.50 -15.38 10.21
C THR A 178 -7.97 -15.75 10.31
N GLY A 179 -8.43 -16.72 9.52
CA GLY A 179 -9.76 -17.31 9.76
C GLY A 179 -10.88 -16.30 9.75
N ASP A 180 -11.72 -16.32 10.80
CA ASP A 180 -12.88 -15.43 10.85
C ASP A 180 -12.51 -13.95 10.89
N TYR A 181 -11.30 -13.67 11.39
CA TYR A 181 -10.84 -12.28 11.44
C TYR A 181 -10.63 -11.78 10.01
N THR A 182 -9.93 -12.57 9.20
CA THR A 182 -9.76 -12.26 7.78
C THR A 182 -11.09 -12.10 7.04
N ARG A 183 -12.03 -13.03 7.30
CA ARG A 183 -13.35 -12.92 6.67
C ARG A 183 -14.08 -11.65 7.09
N ALA A 184 -13.88 -11.24 8.34
CA ALA A 184 -14.49 -10.02 8.82
C ALA A 184 -13.94 -8.78 8.09
N ALA A 185 -12.65 -8.79 7.80
CA ALA A 185 -12.03 -7.68 7.07
C ALA A 185 -12.60 -7.55 5.66
N VAL A 186 -12.78 -8.70 5.02
CA VAL A 186 -13.37 -8.73 3.67
C VAL A 186 -14.79 -8.17 3.67
N ARG A 187 -15.61 -8.66 4.59
CA ARG A 187 -16.97 -8.14 4.71
C ARG A 187 -16.97 -6.63 4.98
N MET A 188 -16.10 -6.19 5.88
N MET A 188 -16.12 -6.18 5.90
CA MET A 188 -16.02 -4.77 6.20
CA MET A 188 -16.01 -4.76 6.20
C MET A 188 -15.65 -3.92 4.98
C MET A 188 -15.68 -3.94 4.96
N ALA A 189 -14.70 -4.40 4.17
CA ALA A 189 -14.34 -3.74 2.92
C ALA A 189 -15.50 -3.64 1.94
N GLU A 190 -16.18 -4.76 1.74
N GLU A 190 -16.18 -4.76 1.77
CA GLU A 190 -17.27 -4.85 0.77
CA GLU A 190 -17.19 -4.85 0.73
C GLU A 190 -18.32 -3.81 1.12
C GLU A 190 -18.47 -4.09 1.14
N GLU A 191 -18.57 -3.71 2.42
CA GLU A 191 -19.60 -2.83 2.96
C GLU A 191 -19.24 -1.36 3.02
N HIS A 192 -17.97 -1.03 2.76
CA HIS A 192 -17.50 0.35 2.74
C HIS A 192 -16.72 0.62 1.46
N SER A 193 -17.25 0.13 0.34
CA SER A 193 -16.56 0.22 -0.94
C SER A 193 -16.41 1.63 -1.50
N GLU A 194 -17.13 2.60 -0.96
N GLU A 194 -17.14 2.58 -0.93
CA GLU A 194 -16.91 3.97 -1.42
CA GLU A 194 -17.00 3.98 -1.28
C GLU A 194 -15.55 4.51 -0.97
C GLU A 194 -15.64 4.57 -0.88
N PHE A 195 -15.00 3.93 0.09
CA PHE A 195 -13.72 4.40 0.64
C PHE A 195 -12.61 3.34 0.63
N VAL A 196 -13.00 2.10 0.93
CA VAL A 196 -12.05 0.97 0.99
C VAL A 196 -11.80 0.42 -0.41
N VAL A 197 -10.55 0.45 -0.85
CA VAL A 197 -10.18 0.09 -2.21
C VAL A 197 -9.45 -1.25 -2.28
N GLY A 198 -9.25 -1.89 -1.13
CA GLY A 198 -8.48 -3.12 -1.14
C GLY A 198 -7.94 -3.49 0.21
N PHE A 199 -6.96 -4.40 0.18
CA PHE A 199 -6.43 -5.07 1.37
C PHE A 199 -4.93 -5.02 1.45
N ILE A 200 -4.45 -5.07 2.70
CA ILE A 200 -3.15 -5.63 2.98
C ILE A 200 -3.37 -7.08 3.33
N SER A 201 -2.72 -7.98 2.60
CA SER A 201 -2.98 -9.41 2.82
C SER A 201 -1.77 -10.18 2.25
N GLY A 202 -1.70 -11.46 2.60
CA GLY A 202 -0.66 -12.33 2.05
C GLY A 202 -1.07 -13.01 0.76
N SER A 203 -2.36 -13.00 0.47
N SER A 203 -2.33 -12.82 0.38
CA SER A 203 -2.96 -13.68 -0.67
CA SER A 203 -2.90 -13.51 -0.76
C SER A 203 -4.27 -13.01 -1.05
C SER A 203 -4.17 -12.80 -1.19
N ARG A 204 -4.77 -13.32 -2.24
CA ARG A 204 -6.12 -12.89 -2.63
C ARG A 204 -7.09 -13.38 -1.57
N VAL A 205 -7.84 -12.43 -1.00
CA VAL A 205 -8.84 -12.72 0.02
C VAL A 205 -10.25 -12.39 -0.44
N SER A 206 -10.38 -11.54 -1.45
CA SER A 206 -11.67 -11.21 -2.05
C SER A 206 -11.71 -11.68 -3.48
N MET A 207 -12.89 -12.18 -3.88
N MET A 207 -12.86 -12.21 -3.92
CA MET A 207 -13.16 -12.63 -5.23
CA MET A 207 -12.99 -12.62 -5.32
C MET A 207 -13.41 -11.47 -6.20
C MET A 207 -13.64 -11.52 -6.19
N LYS A 208 -13.76 -10.31 -5.63
CA LYS A 208 -14.23 -9.15 -6.40
C LYS A 208 -13.03 -8.41 -7.00
N PRO A 209 -12.95 -8.32 -8.34
CA PRO A 209 -11.76 -7.75 -8.96
C PRO A 209 -11.56 -6.24 -8.78
N GLU A 210 -12.58 -5.56 -8.27
N GLU A 210 -12.56 -5.54 -8.27
CA GLU A 210 -12.48 -4.13 -7.95
CA GLU A 210 -12.41 -4.10 -8.01
C GLU A 210 -11.49 -3.85 -6.82
C GLU A 210 -11.61 -3.81 -6.73
N PHE A 211 -11.27 -4.86 -5.98
CA PHE A 211 -10.40 -4.71 -4.81
C PHE A 211 -8.95 -5.00 -5.12
N LEU A 212 -8.06 -4.14 -4.65
CA LEU A 212 -6.61 -4.35 -4.76
C LEU A 212 -6.11 -5.24 -3.63
N HIS A 213 -5.11 -6.09 -3.90
CA HIS A 213 -4.42 -6.86 -2.87
C HIS A 213 -2.96 -6.45 -2.87
N LEU A 214 -2.50 -5.89 -1.75
CA LEU A 214 -1.08 -5.49 -1.60
C LEU A 214 -0.46 -6.35 -0.52
N THR A 215 0.74 -6.88 -0.79
CA THR A 215 1.36 -7.86 0.10
C THR A 215 2.75 -7.46 0.54
N PRO A 216 2.90 -7.13 1.85
CA PRO A 216 4.21 -6.97 2.45
C PRO A 216 4.74 -8.32 2.90
N GLY A 217 5.99 -8.32 3.36
CA GLY A 217 6.68 -9.57 3.67
C GLY A 217 7.22 -10.24 2.41
N VAL A 218 7.93 -9.47 1.58
CA VAL A 218 8.40 -9.98 0.29
C VAL A 218 9.90 -9.76 0.15
N GLN A 219 10.60 -10.84 -0.21
N GLN A 219 10.63 -10.83 -0.18
CA GLN A 219 12.01 -10.80 -0.58
CA GLN A 219 12.03 -10.73 -0.60
C GLN A 219 12.26 -11.86 -1.63
C GLN A 219 12.29 -11.87 -1.58
N LEU A 220 13.32 -11.72 -2.40
CA LEU A 220 13.61 -12.78 -3.37
C LEU A 220 14.08 -14.06 -2.70
N GLU A 221 14.90 -13.92 -1.66
CA GLU A 221 15.43 -15.09 -0.93
C GLU A 221 14.53 -15.49 0.24
N ALA A 222 14.54 -16.76 0.59
CA ALA A 222 13.89 -17.23 1.81
C ALA A 222 14.48 -16.53 3.03
N GLY A 223 13.64 -16.31 4.03
CA GLY A 223 14.14 -15.82 5.31
C GLY A 223 13.09 -15.02 6.04
N GLY A 224 13.60 -14.22 6.97
CA GLY A 224 12.75 -13.39 7.85
C GLY A 224 13.65 -12.39 8.52
N ASP A 225 13.18 -11.78 9.59
CA ASP A 225 14.07 -10.97 10.43
C ASP A 225 14.07 -11.55 11.85
N ASN A 226 14.72 -10.89 12.80
N ASN A 226 14.72 -10.83 12.76
CA ASN A 226 14.77 -11.44 14.16
CA ASN A 226 14.87 -11.26 14.14
C ASN A 226 13.59 -11.03 15.05
C ASN A 226 13.78 -10.73 15.07
N LEU A 227 12.69 -10.25 14.46
CA LEU A 227 11.53 -9.71 15.19
C LEU A 227 10.23 -10.12 14.52
N GLY A 228 10.21 -11.32 13.98
CA GLY A 228 8.94 -11.93 13.56
C GLY A 228 8.51 -11.72 12.11
N GLN A 229 9.28 -10.99 11.30
CA GLN A 229 8.92 -10.80 9.89
C GLN A 229 9.21 -12.11 9.17
N GLN A 230 8.32 -12.46 8.25
CA GLN A 230 8.49 -13.63 7.39
C GLN A 230 8.41 -13.17 5.94
N TYR A 231 9.27 -13.75 5.10
CA TYR A 231 9.34 -13.41 3.68
C TYR A 231 8.85 -14.52 2.77
N ASN A 232 8.18 -14.09 1.70
CA ASN A 232 7.88 -14.95 0.56
C ASN A 232 8.27 -14.19 -0.70
N SER A 233 8.47 -14.97 -1.77
CA SER A 233 9.00 -14.37 -2.99
C SER A 233 7.89 -13.73 -3.82
N PRO A 234 8.26 -12.81 -4.71
CA PRO A 234 7.25 -12.24 -5.62
C PRO A 234 6.51 -13.29 -6.43
N GLN A 235 7.21 -14.31 -6.93
CA GLN A 235 6.53 -15.33 -7.69
C GLN A 235 5.50 -16.06 -6.83
N GLU A 236 5.84 -16.36 -5.58
CA GLU A 236 4.88 -17.02 -4.69
C GLU A 236 3.67 -16.10 -4.44
N VAL A 237 3.93 -14.84 -4.12
CA VAL A 237 2.87 -13.92 -3.69
C VAL A 237 1.94 -13.49 -4.81
N ILE A 238 2.53 -13.14 -5.94
CA ILE A 238 1.75 -12.67 -7.08
C ILE A 238 1.24 -13.85 -7.90
N GLY A 239 2.13 -14.79 -8.18
CA GLY A 239 1.79 -15.91 -9.07
C GLY A 239 0.94 -16.99 -8.43
N LYS A 240 1.35 -17.51 -7.28
CA LYS A 240 0.60 -18.59 -6.64
C LYS A 240 -0.51 -18.12 -5.71
N ARG A 241 -0.28 -17.03 -4.97
CA ARG A 241 -1.24 -16.55 -3.97
C ARG A 241 -2.21 -15.48 -4.51
N GLY A 242 -1.98 -15.01 -5.72
CA GLY A 242 -2.96 -14.20 -6.41
C GLY A 242 -3.02 -12.74 -6.01
N SER A 243 -2.01 -12.25 -5.31
N SER A 243 -2.00 -12.25 -5.31
CA SER A 243 -2.02 -10.83 -4.95
CA SER A 243 -1.95 -10.84 -4.95
C SER A 243 -1.62 -9.94 -6.12
C SER A 243 -1.73 -9.95 -6.17
N ASP A 244 -1.87 -8.64 -5.99
CA ASP A 244 -1.66 -7.71 -7.08
C ASP A 244 -0.32 -6.97 -7.04
N ILE A 245 0.05 -6.53 -5.84
CA ILE A 245 1.19 -5.64 -5.67
C ILE A 245 2.07 -6.16 -4.55
N ILE A 246 3.39 -6.12 -4.75
CA ILE A 246 4.31 -6.50 -3.68
C ILE A 246 4.80 -5.22 -3.01
N ILE A 247 4.89 -5.25 -1.67
CA ILE A 247 5.48 -4.14 -0.89
C ILE A 247 6.85 -4.63 -0.39
N VAL A 248 7.89 -3.89 -0.76
CA VAL A 248 9.24 -4.36 -0.42
C VAL A 248 9.99 -3.20 0.23
N GLY A 249 10.50 -3.50 1.44
CA GLY A 249 11.33 -2.54 2.17
C GLY A 249 12.79 -2.94 2.12
N ARG A 250 13.25 -3.65 3.14
CA ARG A 250 14.68 -3.96 3.30
C ARG A 250 15.30 -4.68 2.11
N GLY A 251 14.53 -5.51 1.41
CA GLY A 251 15.06 -6.17 0.20
C GLY A 251 15.62 -5.18 -0.80
N ILE A 252 15.05 -3.97 -0.81
CA ILE A 252 15.55 -2.91 -1.65
C ILE A 252 16.44 -1.96 -0.84
N ILE A 253 15.91 -1.48 0.28
CA ILE A 253 16.57 -0.39 1.00
C ILE A 253 17.98 -0.74 1.52
N SER A 254 18.18 -1.99 1.94
CA SER A 254 19.48 -2.40 2.45
C SER A 254 20.47 -2.78 1.35
N ALA A 255 20.02 -2.89 0.12
CA ALA A 255 20.94 -3.21 -1.01
C ALA A 255 21.89 -2.06 -1.30
N ALA A 256 23.05 -2.39 -1.87
CA ALA A 256 23.95 -1.32 -2.26
C ALA A 256 23.35 -0.43 -3.36
N ASP A 257 22.92 -1.08 -4.44
CA ASP A 257 22.26 -0.40 -5.55
C ASP A 257 20.73 -0.57 -5.43
N ARG A 258 20.09 0.47 -4.90
CA ARG A 258 18.65 0.38 -4.63
C ARG A 258 17.85 0.46 -5.93
N LEU A 259 18.42 1.10 -6.96
CA LEU A 259 17.74 1.16 -8.24
C LEU A 259 17.69 -0.21 -8.91
N GLU A 260 18.84 -0.91 -8.96
N GLU A 260 18.86 -0.88 -8.96
CA GLU A 260 18.83 -2.25 -9.54
CA GLU A 260 18.94 -2.23 -9.47
C GLU A 260 18.02 -3.25 -8.70
C GLU A 260 17.98 -3.15 -8.72
N ALA A 261 18.02 -3.08 -7.38
CA ALA A 261 17.17 -3.93 -6.55
C ALA A 261 15.69 -3.71 -6.89
N ALA A 262 15.29 -2.44 -7.01
CA ALA A 262 13.88 -2.16 -7.32
C ALA A 262 13.54 -2.75 -8.68
N GLU A 263 14.43 -2.60 -9.66
CA GLU A 263 14.17 -3.19 -10.96
C GLU A 263 14.05 -4.73 -10.91
N MET A 264 14.89 -5.36 -10.11
N MET A 264 14.86 -5.39 -10.09
CA MET A 264 14.77 -6.80 -9.90
CA MET A 264 14.72 -6.83 -9.95
C MET A 264 13.37 -7.15 -9.39
C MET A 264 13.38 -7.24 -9.32
N TYR A 265 12.93 -6.45 -8.34
CA TYR A 265 11.62 -6.73 -7.75
C TYR A 265 10.47 -6.39 -8.72
N ARG A 266 10.63 -5.31 -9.48
CA ARG A 266 9.60 -4.94 -10.45
C ARG A 266 9.44 -6.00 -11.53
N LYS A 267 10.57 -6.45 -12.07
CA LYS A 267 10.48 -7.46 -13.13
C LYS A 267 9.91 -8.76 -12.59
N ALA A 268 10.29 -9.11 -11.36
CA ALA A 268 9.74 -10.34 -10.76
C ALA A 268 8.22 -10.28 -10.59
N ALA A 269 7.74 -9.21 -9.97
CA ALA A 269 6.30 -9.10 -9.72
C ALA A 269 5.52 -8.96 -11.04
N TRP A 270 6.10 -8.25 -11.99
CA TRP A 270 5.38 -8.00 -13.25
C TRP A 270 5.24 -9.29 -14.05
N GLU A 271 6.32 -10.05 -14.17
N GLU A 271 6.32 -10.04 -14.19
CA GLU A 271 6.26 -11.30 -14.92
CA GLU A 271 6.26 -11.30 -14.93
C GLU A 271 5.38 -12.35 -14.24
C GLU A 271 5.33 -12.30 -14.24
N ALA A 272 5.36 -12.35 -12.91
CA ALA A 272 4.44 -13.23 -12.19
C ALA A 272 2.99 -12.89 -12.51
N TYR A 273 2.70 -11.60 -12.55
CA TYR A 273 1.39 -11.12 -12.93
C TYR A 273 1.04 -11.54 -14.37
N LEU A 274 1.95 -11.30 -15.31
CA LEU A 274 1.63 -11.67 -16.71
C LEU A 274 1.38 -13.16 -16.85
N SER A 275 2.16 -13.97 -16.14
N SER A 275 2.20 -13.97 -16.18
CA SER A 275 2.07 -15.42 -16.28
CA SER A 275 2.06 -15.42 -16.28
C SER A 275 0.82 -16.00 -15.61
C SER A 275 0.69 -15.85 -15.76
N ARG A 276 0.27 -15.25 -14.65
CA ARG A 276 -0.99 -15.60 -14.01
C ARG A 276 -2.16 -15.20 -14.91
N LEU A 277 -1.98 -14.10 -15.64
CA LEU A 277 -2.98 -13.59 -16.57
C LEU A 277 -3.15 -14.53 -17.77
N GLY A 278 -2.04 -15.15 -18.18
CA GLY A 278 -2.03 -16.08 -19.30
C GLY A 278 -1.61 -15.41 -20.59
#